data_5VSM
#
_entry.id   5VSM
#
_cell.length_a   59.364
_cell.length_b   73.264
_cell.length_c   141.939
_cell.angle_alpha   90.00
_cell.angle_beta   90.00
_cell.angle_gamma   90.00
#
_symmetry.space_group_name_H-M   'P 21 21 21'
#
loop_
_entity.id
_entity.type
_entity.pdbx_description
1 polymer 'Radical S-adenosyl methionine domain-containing protein 2'
2 non-polymer 'IRON/SULFUR CLUSTER'
3 non-polymer "5'-DEOXYADENOSINE"
4 non-polymer METHIONINE
5 water water
#
_entity_poly.entity_id   1
_entity_poly.type   'polypeptide(L)'
_entity_poly.pdbx_seq_one_letter_code
;GKEQPQVRGELEETQETQEDGNSTQRTTPVSVNYHFTRQCNYKCGFCFHTAKTSFVLPLEEAKRGLLLLKQAGLEKINFS
GGEPFLQDRGEYLGKLVRFCKEELALPSVSIVSNGSLIRERWFKDYGEYLDILAISCDSFDEQVNALIGRGQGKKNHVEN
LQKLRRWCRDYKVAFKINSVINRFNVDEDMNEHIKALSPVRWKVFQCLLIEGENSGEDALREAERFLISNEEFETFLERH
KEVSCLVPESNQKMKDSYLILDEYMRFLNCTGGRKDPSKSILDVGVEEAIKFSGFDEKMFLKRGGKYVWSKADLKLDW
;
_entity_poly.pdbx_strand_id   A,B
#
loop_
_chem_comp.id
_chem_comp.type
_chem_comp.name
_chem_comp.formula
5AD non-polymer 5'-DEOXYADENOSINE 'C10 H13 N5 O3'
SF4 non-polymer 'IRON/SULFUR CLUSTER' 'Fe4 S4'
#
# COMPACT_ATOMS: atom_id res chain seq x y z
N VAL A 30 -9.74 12.09 -28.13
CA VAL A 30 -9.26 11.15 -29.14
C VAL A 30 -9.04 9.76 -28.54
N SER A 31 -8.53 9.71 -27.31
CA SER A 31 -8.15 8.47 -26.63
C SER A 31 -8.48 8.58 -25.14
N VAL A 32 -8.90 7.46 -24.53
CA VAL A 32 -9.44 7.48 -23.16
C VAL A 32 -9.18 6.14 -22.47
N ASN A 33 -8.80 6.20 -21.17
CA ASN A 33 -8.65 5.03 -20.32
C ASN A 33 -9.87 4.90 -19.41
N TYR A 34 -10.71 3.91 -19.68
CA TYR A 34 -11.96 3.70 -18.96
C TYR A 34 -11.72 2.67 -17.86
N HIS A 35 -11.48 3.15 -16.64
CA HIS A 35 -11.32 2.27 -15.47
C HIS A 35 -12.71 1.95 -14.94
N PHE A 36 -13.38 1.00 -15.61
CA PHE A 36 -14.80 0.79 -15.39
C PHE A 36 -15.10 0.01 -14.11
N THR A 37 -14.08 -0.59 -13.49
CA THR A 37 -14.24 -1.36 -12.28
C THR A 37 -13.01 -1.15 -11.41
N ARG A 38 -13.20 -1.16 -10.10
CA ARG A 38 -12.09 -1.04 -9.17
C ARG A 38 -11.77 -2.34 -8.46
N GLN A 39 -12.52 -3.41 -8.71
CA GLN A 39 -12.25 -4.68 -8.05
C GLN A 39 -11.13 -5.41 -8.77
N CYS A 40 -10.35 -6.16 -8.00
CA CYS A 40 -9.21 -6.88 -8.55
C CYS A 40 -8.91 -8.10 -7.70
N ASN A 41 -8.31 -9.12 -8.34
CA ASN A 41 -7.91 -10.32 -7.65
C ASN A 41 -6.45 -10.33 -7.22
N TYR A 42 -5.65 -9.36 -7.66
CA TYR A 42 -4.25 -9.25 -7.28
C TYR A 42 -4.08 -8.27 -6.12
N LYS A 43 -2.85 -8.13 -5.64
CA LYS A 43 -2.57 -7.33 -4.46
C LYS A 43 -1.31 -6.48 -4.64
N CYS A 44 -1.11 -5.94 -5.85
CA CYS A 44 0.13 -5.22 -6.12
C CYS A 44 0.32 -4.09 -5.11
N GLY A 45 1.49 -4.10 -4.43
CA GLY A 45 1.71 -3.15 -3.35
C GLY A 45 1.72 -1.71 -3.79
N PHE A 46 2.01 -1.44 -5.06
CA PHE A 46 2.07 -0.08 -5.59
C PHE A 46 0.79 0.36 -6.29
N CYS A 47 -0.23 -0.49 -6.35
CA CYS A 47 -1.41 -0.26 -7.19
C CYS A 47 -1.94 1.17 -7.05
N PHE A 48 -2.04 1.91 -8.17
CA PHE A 48 -2.48 3.29 -8.08
C PHE A 48 -3.93 3.51 -8.49
N HIS A 49 -4.71 2.45 -8.67
CA HIS A 49 -6.15 2.57 -8.92
C HIS A 49 -6.83 1.45 -8.13
N THR A 50 -7.11 1.75 -6.85
CA THR A 50 -7.37 0.74 -5.84
C THR A 50 -8.87 0.45 -5.68
N ALA A 51 -9.16 -0.59 -4.89
CA ALA A 51 -10.50 -1.14 -4.77
C ALA A 51 -11.36 -0.32 -3.81
N LYS A 52 -11.53 0.96 -4.15
CA LYS A 52 -12.23 1.88 -3.26
C LYS A 52 -13.75 1.69 -3.32
N THR A 53 -14.28 1.24 -4.45
CA THR A 53 -15.69 0.92 -4.60
C THR A 53 -15.83 -0.46 -5.23
N SER A 54 -17.05 -0.97 -5.20
CA SER A 54 -17.44 -2.14 -5.97
C SER A 54 -18.43 -1.79 -7.07
N PHE A 55 -18.61 -0.50 -7.37
CA PHE A 55 -19.62 -0.07 -8.33
C PHE A 55 -19.16 -0.30 -9.76
N VAL A 56 -20.03 -0.90 -10.56
CA VAL A 56 -19.90 -0.93 -12.01
C VAL A 56 -21.23 -0.47 -12.59
N LEU A 57 -21.16 0.36 -13.64
CA LEU A 57 -22.37 0.86 -14.25
C LEU A 57 -23.18 -0.28 -14.86
N PRO A 58 -24.51 -0.16 -14.89
CA PRO A 58 -25.32 -1.03 -15.75
C PRO A 58 -24.79 -0.99 -17.18
N LEU A 59 -24.83 -2.14 -17.84
CA LEU A 59 -24.26 -2.26 -19.17
C LEU A 59 -24.81 -1.19 -20.11
N GLU A 60 -26.13 -0.98 -20.09
CA GLU A 60 -26.72 -0.02 -21.02
C GLU A 60 -26.31 1.41 -20.71
N GLU A 61 -25.99 1.70 -19.44
CA GLU A 61 -25.49 3.02 -19.09
C GLU A 61 -24.07 3.23 -19.60
N ALA A 62 -23.22 2.22 -19.47
CA ALA A 62 -21.88 2.33 -20.03
C ALA A 62 -21.94 2.52 -21.55
N LYS A 63 -22.82 1.76 -22.21
CA LYS A 63 -23.00 1.93 -23.65
C LYS A 63 -23.45 3.35 -23.98
N ARG A 64 -24.33 3.93 -23.16
CA ARG A 64 -24.78 5.29 -23.37
C ARG A 64 -23.62 6.28 -23.30
N GLY A 65 -22.75 6.13 -22.29
CA GLY A 65 -21.64 7.06 -22.16
C GLY A 65 -20.58 6.84 -23.24
N LEU A 66 -20.35 5.59 -23.63
CA LEU A 66 -19.41 5.32 -24.70
C LEU A 66 -19.88 5.93 -26.02
N LEU A 67 -21.19 5.93 -26.26
CA LEU A 67 -21.71 6.58 -27.47
C LEU A 67 -21.46 8.08 -27.42
N LEU A 68 -21.67 8.70 -26.26
CA LEU A 68 -21.36 10.13 -26.10
C LEU A 68 -19.90 10.41 -26.44
N LEU A 69 -18.99 9.57 -25.94
CA LEU A 69 -17.57 9.73 -26.25
C LEU A 69 -17.33 9.62 -27.75
N LYS A 70 -17.94 8.61 -28.38
CA LYS A 70 -17.89 8.49 -29.84
C LYS A 70 -18.37 9.76 -30.51
N GLN A 71 -19.51 10.29 -30.06
CA GLN A 71 -20.06 11.50 -30.65
C GLN A 71 -19.16 12.70 -30.41
N ALA A 72 -18.41 12.71 -29.31
CA ALA A 72 -17.49 13.80 -29.03
C ALA A 72 -16.16 13.67 -29.76
N GLY A 73 -15.92 12.57 -30.45
CA GLY A 73 -14.76 12.46 -31.31
C GLY A 73 -13.76 11.39 -30.92
N LEU A 74 -14.16 10.46 -30.07
CA LEU A 74 -13.24 9.43 -29.61
C LEU A 74 -12.91 8.45 -30.74
N GLU A 75 -11.64 8.06 -30.83
CA GLU A 75 -11.19 7.06 -31.79
C GLU A 75 -10.50 5.87 -31.15
N LYS A 76 -9.98 6.01 -29.93
CA LYS A 76 -9.25 4.94 -29.28
C LYS A 76 -9.75 4.79 -27.84
N ILE A 77 -10.16 3.58 -27.46
CA ILE A 77 -10.61 3.30 -26.10
C ILE A 77 -9.70 2.25 -25.49
N ASN A 78 -9.42 2.39 -24.20
CA ASN A 78 -8.62 1.43 -23.45
C ASN A 78 -9.39 1.06 -22.19
N PHE A 79 -9.74 -0.22 -22.06
CA PHE A 79 -10.45 -0.70 -20.87
C PHE A 79 -9.46 -1.12 -19.79
N SER A 80 -9.69 -0.63 -18.57
CA SER A 80 -8.75 -0.79 -17.48
C SER A 80 -9.54 -0.94 -16.17
N GLY A 81 -8.84 -0.83 -15.04
CA GLY A 81 -9.48 -0.98 -13.75
C GLY A 81 -8.55 -0.71 -12.60
N GLY A 82 -8.59 -1.51 -11.52
CA GLY A 82 -9.35 -2.76 -11.47
C GLY A 82 -8.86 -3.83 -12.46
N GLU A 83 -9.35 -5.07 -12.31
CA GLU A 83 -9.04 -6.10 -13.28
C GLU A 83 -10.21 -6.22 -14.24
N PRO A 84 -10.06 -5.84 -15.52
CA PRO A 84 -11.21 -5.85 -16.44
C PRO A 84 -11.89 -7.20 -16.59
N PHE A 85 -11.15 -8.31 -16.50
CA PHE A 85 -11.77 -9.62 -16.73
C PHE A 85 -12.45 -10.19 -15.49
N LEU A 86 -12.44 -9.48 -14.35
CA LEU A 86 -13.07 -10.02 -13.16
C LEU A 86 -14.59 -9.94 -13.23
N GLN A 87 -15.12 -8.82 -13.75
CA GLN A 87 -16.56 -8.56 -13.72
C GLN A 87 -17.32 -9.56 -14.61
N ASP A 88 -18.21 -10.34 -14.01
N ASP A 88 -18.23 -10.31 -14.01
CA ASP A 88 -19.05 -11.28 -14.74
CA ASP A 88 -19.06 -11.30 -14.69
C ASP A 88 -18.21 -12.24 -15.57
C ASP A 88 -18.22 -12.31 -15.47
N ARG A 89 -17.06 -12.63 -15.02
CA ARG A 89 -16.13 -13.57 -15.66
C ARG A 89 -15.72 -13.11 -17.05
N GLY A 90 -15.57 -11.80 -17.25
CA GLY A 90 -15.15 -11.24 -18.51
C GLY A 90 -16.26 -10.92 -19.49
N GLU A 91 -17.49 -11.35 -19.21
CA GLU A 91 -18.57 -11.18 -20.16
C GLU A 91 -18.98 -9.70 -20.27
N TYR A 92 -18.95 -8.98 -19.16
CA TYR A 92 -19.27 -7.56 -19.19
C TYR A 92 -18.29 -6.80 -20.08
N LEU A 93 -17.00 -7.06 -19.91
CA LEU A 93 -15.97 -6.45 -20.74
C LEU A 93 -16.15 -6.82 -22.20
N GLY A 94 -16.45 -8.09 -22.48
CA GLY A 94 -16.60 -8.50 -23.87
C GLY A 94 -17.74 -7.78 -24.57
N LYS A 95 -18.84 -7.57 -23.85
CA LYS A 95 -19.98 -6.86 -24.43
C LYS A 95 -19.63 -5.42 -24.77
N LEU A 96 -18.84 -4.77 -23.92
CA LEU A 96 -18.46 -3.39 -24.19
C LEU A 96 -17.43 -3.31 -25.31
N VAL A 97 -16.50 -4.27 -25.37
CA VAL A 97 -15.56 -4.35 -26.48
C VAL A 97 -16.30 -4.53 -27.80
N ARG A 98 -17.26 -5.47 -27.84
CA ARG A 98 -18.03 -5.67 -29.06
C ARG A 98 -18.82 -4.42 -29.42
N PHE A 99 -19.37 -3.73 -28.41
CA PHE A 99 -20.12 -2.52 -28.67
C PHE A 99 -19.25 -1.45 -29.30
N CYS A 100 -18.04 -1.26 -28.76
CA CYS A 100 -17.15 -0.22 -29.28
C CYS A 100 -16.72 -0.52 -30.70
N LYS A 101 -16.39 -1.78 -31.00
CA LYS A 101 -15.96 -2.10 -32.36
C LYS A 101 -17.14 -2.15 -33.33
N GLU A 102 -18.20 -2.89 -32.98
CA GLU A 102 -19.26 -3.19 -33.94
C GLU A 102 -20.29 -2.06 -34.06
N GLU A 103 -20.67 -1.41 -32.95
CA GLU A 103 -21.68 -0.37 -32.98
C GLU A 103 -21.11 1.04 -33.12
N LEU A 104 -20.00 1.32 -32.45
CA LEU A 104 -19.38 2.65 -32.48
C LEU A 104 -18.30 2.76 -33.55
N ALA A 105 -17.84 1.63 -34.09
CA ALA A 105 -16.80 1.59 -35.12
C ALA A 105 -15.54 2.34 -34.68
N LEU A 106 -15.10 2.09 -33.44
CA LEU A 106 -13.83 2.66 -33.02
C LEU A 106 -12.68 1.88 -33.65
N PRO A 107 -11.73 2.56 -34.31
CA PRO A 107 -10.63 1.83 -34.97
C PRO A 107 -9.61 1.24 -34.03
N SER A 108 -9.59 1.63 -32.76
CA SER A 108 -8.61 1.08 -31.81
C SER A 108 -9.31 0.79 -30.49
N VAL A 109 -9.45 -0.49 -30.16
CA VAL A 109 -10.06 -0.93 -28.90
C VAL A 109 -9.05 -1.80 -28.17
N SER A 110 -8.66 -1.39 -26.95
CA SER A 110 -7.60 -2.04 -26.21
C SER A 110 -8.08 -2.42 -24.81
N ILE A 111 -7.41 -3.41 -24.22
CA ILE A 111 -7.59 -3.78 -22.83
C ILE A 111 -6.23 -3.87 -22.18
N VAL A 112 -6.14 -3.49 -20.90
N VAL A 112 -6.14 -3.44 -20.91
CA VAL A 112 -4.96 -3.75 -20.08
CA VAL A 112 -5.02 -3.73 -20.04
C VAL A 112 -5.39 -4.63 -18.92
C VAL A 112 -5.49 -4.72 -19.00
N SER A 113 -4.70 -5.76 -18.73
CA SER A 113 -5.14 -6.78 -17.80
C SER A 113 -3.96 -7.40 -17.07
N ASN A 114 -4.21 -7.92 -15.85
CA ASN A 114 -3.17 -8.73 -15.26
C ASN A 114 -3.11 -10.14 -15.84
N GLY A 115 -4.07 -10.50 -16.69
CA GLY A 115 -4.01 -11.73 -17.45
C GLY A 115 -4.49 -12.98 -16.74
N SER A 116 -4.51 -12.98 -15.42
CA SER A 116 -4.73 -14.22 -14.67
C SER A 116 -6.12 -14.83 -14.88
N LEU A 117 -7.12 -14.04 -15.28
CA LEU A 117 -8.50 -14.52 -15.35
C LEU A 117 -8.98 -14.70 -16.78
N ILE A 118 -8.12 -14.44 -17.77
CA ILE A 118 -8.54 -14.50 -19.17
C ILE A 118 -8.71 -15.96 -19.58
N ARG A 119 -9.89 -16.30 -20.09
CA ARG A 119 -10.21 -17.63 -20.57
C ARG A 119 -10.08 -17.64 -22.09
N GLU A 120 -9.66 -18.78 -22.63
CA GLU A 120 -9.59 -18.85 -24.09
C GLU A 120 -10.95 -18.64 -24.73
N ARG A 121 -12.02 -19.07 -24.05
CA ARG A 121 -13.38 -18.88 -24.58
C ARG A 121 -13.69 -17.40 -24.82
N TRP A 122 -13.13 -16.50 -24.00
CA TRP A 122 -13.32 -15.06 -24.22
C TRP A 122 -12.81 -14.64 -25.60
N PHE A 123 -11.61 -15.11 -25.97
CA PHE A 123 -11.10 -14.84 -27.32
C PHE A 123 -12.03 -15.38 -28.40
N LYS A 124 -12.58 -16.58 -28.20
CA LYS A 124 -13.49 -17.16 -29.19
C LYS A 124 -14.74 -16.31 -29.35
N ASP A 125 -15.25 -15.78 -28.25
CA ASP A 125 -16.52 -15.05 -28.23
C ASP A 125 -16.36 -13.58 -28.60
N TYR A 126 -15.26 -12.97 -28.20
CA TYR A 126 -15.08 -11.52 -28.32
C TYR A 126 -13.78 -11.09 -29.00
N GLY A 127 -12.89 -12.02 -29.33
CA GLY A 127 -11.56 -11.62 -29.78
C GLY A 127 -11.56 -10.90 -31.12
N GLU A 128 -12.57 -11.14 -31.95
CA GLU A 128 -12.63 -10.48 -33.26
C GLU A 128 -12.87 -8.98 -33.12
N TYR A 129 -13.35 -8.53 -31.95
CA TYR A 129 -13.62 -7.12 -31.74
C TYR A 129 -12.48 -6.39 -31.05
N LEU A 130 -11.44 -7.10 -30.62
CA LEU A 130 -10.36 -6.54 -29.82
C LEU A 130 -9.11 -6.31 -30.67
N ASP A 131 -8.60 -5.08 -30.66
CA ASP A 131 -7.36 -4.82 -31.40
C ASP A 131 -6.12 -5.24 -30.60
N ILE A 132 -6.09 -4.90 -29.32
CA ILE A 132 -4.86 -4.91 -28.54
C ILE A 132 -5.16 -5.41 -27.13
N LEU A 133 -4.34 -6.34 -26.65
CA LEU A 133 -4.36 -6.79 -25.27
C LEU A 133 -2.99 -6.51 -24.65
N ALA A 134 -2.95 -5.69 -23.61
CA ALA A 134 -1.71 -5.38 -22.90
C ALA A 134 -1.77 -6.12 -21.57
N ILE A 135 -0.77 -6.96 -21.32
CA ILE A 135 -0.70 -7.73 -20.08
C ILE A 135 0.38 -7.09 -19.22
N SER A 136 0.04 -6.85 -17.96
CA SER A 136 0.96 -6.25 -16.99
C SER A 136 1.86 -7.31 -16.38
N CYS A 137 3.17 -7.15 -16.53
CA CYS A 137 4.13 -8.08 -15.96
C CYS A 137 5.37 -7.28 -15.61
N ASP A 138 5.69 -7.21 -14.32
CA ASP A 138 6.75 -6.31 -13.88
C ASP A 138 8.11 -6.99 -13.78
N SER A 139 8.17 -8.32 -13.81
CA SER A 139 9.45 -8.99 -13.69
C SER A 139 9.35 -10.33 -14.39
N PHE A 140 10.49 -10.84 -14.85
CA PHE A 140 10.54 -12.21 -15.34
C PHE A 140 11.09 -13.16 -14.31
N ASP A 141 11.34 -12.65 -13.11
CA ASP A 141 11.61 -13.48 -11.94
C ASP A 141 10.27 -13.66 -11.23
N GLU A 142 9.72 -14.87 -11.30
N GLU A 142 9.72 -14.88 -11.27
CA GLU A 142 8.40 -15.13 -10.73
CA GLU A 142 8.38 -15.08 -10.74
C GLU A 142 8.33 -14.74 -9.27
C GLU A 142 8.31 -14.77 -9.25
N GLN A 143 9.42 -14.95 -8.52
CA GLN A 143 9.44 -14.60 -7.11
C GLN A 143 9.32 -13.09 -6.89
N VAL A 144 9.86 -12.28 -7.80
CA VAL A 144 9.74 -10.83 -7.68
C VAL A 144 8.28 -10.42 -7.85
N ASN A 145 7.60 -10.98 -8.85
CA ASN A 145 6.18 -10.71 -9.04
C ASN A 145 5.38 -11.10 -7.80
N ALA A 146 5.68 -12.26 -7.24
CA ALA A 146 4.96 -12.73 -6.06
C ALA A 146 5.13 -11.77 -4.88
N LEU A 147 6.38 -11.36 -4.61
CA LEU A 147 6.64 -10.47 -3.48
C LEU A 147 6.00 -9.09 -3.65
N ILE A 148 5.91 -8.61 -4.89
CA ILE A 148 5.27 -7.35 -5.24
C ILE A 148 3.75 -7.40 -5.09
N GLY A 149 3.17 -8.60 -5.03
CA GLY A 149 1.73 -8.75 -5.00
C GLY A 149 1.09 -8.98 -6.34
N ARG A 150 1.90 -9.10 -7.40
CA ARG A 150 1.41 -9.34 -8.76
C ARG A 150 1.17 -10.85 -8.89
N GLY A 151 0.12 -11.29 -8.22
CA GLY A 151 -0.21 -12.70 -8.21
C GLY A 151 -1.35 -12.96 -7.26
N GLN A 152 -1.79 -14.23 -7.25
CA GLN A 152 -2.83 -14.69 -6.36
C GLN A 152 -2.43 -15.98 -5.64
N GLY A 153 -1.14 -16.27 -5.55
CA GLY A 153 -0.67 -17.43 -4.80
C GLY A 153 0.02 -18.50 -5.61
N LYS A 154 -0.47 -18.76 -6.83
CA LYS A 154 0.11 -19.83 -7.63
C LYS A 154 1.51 -19.53 -8.13
N LYS A 155 1.97 -18.27 -8.04
CA LYS A 155 3.32 -17.88 -8.45
C LYS A 155 3.64 -18.44 -9.84
N ASN A 156 2.73 -18.16 -10.78
CA ASN A 156 2.94 -18.54 -12.17
C ASN A 156 2.53 -17.42 -13.10
N HIS A 157 2.78 -16.16 -12.68
CA HIS A 157 2.34 -15.00 -13.45
C HIS A 157 3.11 -14.87 -14.76
N VAL A 158 4.43 -15.09 -14.73
CA VAL A 158 5.22 -14.98 -15.94
C VAL A 158 4.83 -16.08 -16.94
N GLU A 159 4.63 -17.30 -16.45
CA GLU A 159 4.24 -18.40 -17.35
C GLU A 159 2.88 -18.14 -18.00
N ASN A 160 1.98 -17.50 -17.27
CA ASN A 160 0.67 -17.14 -17.83
C ASN A 160 0.83 -16.11 -18.94
N LEU A 161 1.68 -15.10 -18.73
CA LEU A 161 1.98 -14.12 -19.76
C LEU A 161 2.36 -14.79 -21.08
N GLN A 162 3.16 -15.87 -20.99
CA GLN A 162 3.63 -16.55 -22.20
C GLN A 162 2.49 -17.25 -22.94
N LYS A 163 1.55 -17.86 -22.19
CA LYS A 163 0.39 -18.47 -22.81
C LYS A 163 -0.49 -17.42 -23.48
N LEU A 164 -0.66 -16.26 -22.83
CA LEU A 164 -1.47 -15.21 -23.41
C LEU A 164 -0.88 -14.69 -24.70
N ARG A 165 0.46 -14.67 -24.80
N ARG A 165 0.46 -14.67 -24.80
CA ARG A 165 1.11 -14.32 -26.05
CA ARG A 165 1.10 -14.24 -26.04
C ARG A 165 0.65 -15.25 -27.18
C ARG A 165 0.77 -15.20 -27.18
N ARG A 166 0.64 -16.56 -26.90
N ARG A 166 0.70 -16.50 -26.89
CA ARG A 166 0.26 -17.53 -27.91
CA ARG A 166 0.26 -17.45 -27.91
C ARG A 166 -1.23 -17.41 -28.27
C ARG A 166 -1.19 -17.21 -28.30
N TRP A 167 -2.08 -17.04 -27.30
CA TRP A 167 -3.49 -16.83 -27.63
C TRP A 167 -3.67 -15.58 -28.48
N CYS A 168 -2.96 -14.49 -28.16
CA CYS A 168 -3.03 -13.31 -29.01
C CYS A 168 -2.59 -13.61 -30.44
N ARG A 169 -1.53 -14.41 -30.60
CA ARG A 169 -1.11 -14.79 -31.95
C ARG A 169 -2.20 -15.58 -32.66
N ASP A 170 -2.78 -16.56 -31.95
CA ASP A 170 -3.72 -17.47 -32.59
C ASP A 170 -5.05 -16.80 -32.88
N TYR A 171 -5.45 -15.81 -32.07
CA TYR A 171 -6.72 -15.12 -32.27
C TYR A 171 -6.55 -13.74 -32.91
N LYS A 172 -5.34 -13.42 -33.37
CA LYS A 172 -5.08 -12.23 -34.20
C LYS A 172 -5.39 -10.94 -33.44
N VAL A 173 -4.90 -10.88 -32.21
CA VAL A 173 -4.94 -9.69 -31.35
C VAL A 173 -3.51 -9.24 -31.13
N ALA A 174 -3.26 -7.93 -31.21
CA ALA A 174 -1.91 -7.42 -30.98
C ALA A 174 -1.59 -7.52 -29.49
N PHE A 175 -0.38 -7.96 -29.20
CA PHE A 175 0.05 -8.21 -27.82
C PHE A 175 1.03 -7.14 -27.36
N LYS A 176 0.74 -6.53 -26.22
CA LYS A 176 1.63 -5.57 -25.59
C LYS A 176 1.91 -6.03 -24.16
N ILE A 177 3.03 -5.60 -23.60
N ILE A 177 3.05 -5.59 -23.62
CA ILE A 177 3.35 -5.87 -22.20
CA ILE A 177 3.44 -5.81 -22.23
C ILE A 177 3.63 -4.54 -21.51
C ILE A 177 3.56 -4.47 -21.55
N ASN A 178 3.05 -4.37 -20.33
CA ASN A 178 3.25 -3.21 -19.48
C ASN A 178 4.04 -3.64 -18.25
N SER A 179 5.03 -2.85 -17.87
CA SER A 179 5.81 -3.12 -16.68
C SER A 179 5.88 -1.85 -15.84
N VAL A 180 5.69 -2.00 -14.52
CA VAL A 180 5.86 -0.88 -13.58
C VAL A 180 7.27 -0.99 -13.01
N ILE A 181 8.09 0.03 -13.23
CA ILE A 181 9.46 -0.01 -12.75
C ILE A 181 9.46 0.53 -11.33
N ASN A 182 9.98 -0.27 -10.40
CA ASN A 182 9.83 -0.01 -8.98
C ASN A 182 11.08 -0.49 -8.26
N ARG A 183 11.08 -0.33 -6.93
CA ARG A 183 12.26 -0.64 -6.12
C ARG A 183 12.76 -2.06 -6.37
N PHE A 184 11.86 -3.00 -6.63
CA PHE A 184 12.24 -4.41 -6.69
C PHE A 184 12.64 -4.92 -8.07
N ASN A 185 12.47 -4.12 -9.13
CA ASN A 185 12.93 -4.55 -10.46
C ASN A 185 13.80 -3.51 -11.14
N VAL A 186 14.20 -2.45 -10.44
CA VAL A 186 14.91 -1.35 -11.09
C VAL A 186 16.27 -1.80 -11.65
N ASP A 187 16.85 -2.86 -11.11
CA ASP A 187 18.12 -3.35 -11.63
C ASP A 187 17.99 -4.58 -12.51
N GLU A 188 16.78 -5.02 -12.83
CA GLU A 188 16.61 -6.23 -13.60
C GLU A 188 16.94 -5.99 -15.06
N ASP A 189 17.56 -6.99 -15.69
CA ASP A 189 17.79 -6.99 -17.13
C ASP A 189 16.73 -7.85 -17.80
N MET A 190 15.83 -7.22 -18.57
CA MET A 190 14.72 -7.89 -19.23
C MET A 190 14.91 -7.97 -20.74
N ASN A 191 16.10 -7.65 -21.23
CA ASN A 191 16.31 -7.55 -22.68
C ASN A 191 15.95 -8.85 -23.40
N GLU A 192 16.58 -9.97 -23.00
CA GLU A 192 16.33 -11.22 -23.71
C GLU A 192 14.89 -11.70 -23.54
N HIS A 193 14.32 -11.53 -22.33
CA HIS A 193 12.95 -11.96 -22.09
C HIS A 193 11.94 -11.19 -22.95
N ILE A 194 12.09 -9.87 -23.03
CA ILE A 194 11.16 -9.08 -23.84
C ILE A 194 11.34 -9.41 -25.33
N LYS A 195 12.58 -9.53 -25.80
CA LYS A 195 12.78 -9.82 -27.22
C LYS A 195 12.21 -11.19 -27.59
N ALA A 196 12.25 -12.14 -26.66
CA ALA A 196 11.70 -13.46 -26.95
C ALA A 196 10.17 -13.43 -26.99
N LEU A 197 9.54 -12.56 -26.22
CA LEU A 197 8.09 -12.42 -26.26
C LEU A 197 7.61 -11.66 -27.49
N SER A 198 8.49 -10.91 -28.13
CA SER A 198 8.23 -10.08 -29.30
C SER A 198 6.86 -9.37 -29.22
N PRO A 199 6.66 -8.54 -28.21
CA PRO A 199 5.43 -7.75 -28.15
C PRO A 199 5.47 -6.62 -29.15
N VAL A 200 4.29 -6.12 -29.48
CA VAL A 200 4.20 -4.96 -30.37
C VAL A 200 4.81 -3.74 -29.69
N ARG A 201 4.57 -3.60 -28.38
CA ARG A 201 5.07 -2.48 -27.61
C ARG A 201 5.31 -2.97 -26.20
N TRP A 202 6.36 -2.43 -25.57
CA TRP A 202 6.66 -2.69 -24.16
C TRP A 202 6.55 -1.34 -23.46
N LYS A 203 5.46 -1.12 -22.74
CA LYS A 203 5.20 0.16 -22.08
C LYS A 203 5.76 0.10 -20.67
N VAL A 204 6.64 1.02 -20.35
CA VAL A 204 7.45 0.94 -19.14
C VAL A 204 7.12 2.15 -18.28
N PHE A 205 6.36 1.92 -17.20
CA PHE A 205 5.86 2.99 -16.34
C PHE A 205 6.79 3.16 -15.15
N GLN A 206 7.21 4.40 -14.89
CA GLN A 206 7.82 4.70 -13.60
C GLN A 206 6.75 4.60 -12.51
N CYS A 207 7.07 3.95 -11.39
CA CYS A 207 6.10 3.80 -10.31
C CYS A 207 5.58 5.17 -9.89
N LEU A 208 4.26 5.33 -9.86
CA LEU A 208 3.64 6.63 -9.65
C LEU A 208 2.86 6.66 -8.34
N LEU A 209 3.10 7.71 -7.55
CA LEU A 209 2.35 7.93 -6.32
C LEU A 209 1.16 8.84 -6.61
N ILE A 210 -0.02 8.43 -6.16
CA ILE A 210 -1.25 9.22 -6.28
C ILE A 210 -1.90 9.29 -4.90
N GLU A 211 -1.99 10.49 -4.34
CA GLU A 211 -2.55 10.66 -3.01
C GLU A 211 -4.01 10.23 -2.98
N GLY A 212 -4.37 9.47 -1.95
CA GLY A 212 -5.70 8.90 -1.83
C GLY A 212 -5.86 7.56 -2.49
N GLU A 213 -4.93 7.17 -3.35
CA GLU A 213 -4.94 5.86 -3.97
C GLU A 213 -3.89 4.97 -3.31
N ASN A 214 -2.61 5.27 -3.54
CA ASN A 214 -1.53 4.47 -2.96
C ASN A 214 -0.65 5.32 -2.05
N SER A 215 -1.21 6.39 -1.47
CA SER A 215 -0.50 7.19 -0.48
C SER A 215 -1.52 7.77 0.48
N GLY A 216 -1.21 7.70 1.79
CA GLY A 216 -2.12 8.12 2.81
C GLY A 216 -2.38 7.04 3.85
N GLU A 217 -2.56 7.44 5.12
CA GLU A 217 -2.76 6.48 6.19
C GLU A 217 -3.99 5.62 5.96
N ASP A 218 -5.02 6.16 5.32
CA ASP A 218 -6.24 5.42 5.04
C ASP A 218 -6.26 4.80 3.64
N ALA A 219 -5.22 5.01 2.84
CA ALA A 219 -5.18 4.42 1.51
C ALA A 219 -5.09 2.90 1.61
N LEU A 220 -5.67 2.23 0.60
CA LEU A 220 -5.62 0.76 0.56
C LEU A 220 -4.22 0.25 0.25
N ARG A 221 -3.38 1.06 -0.37
CA ARG A 221 -2.00 0.71 -0.64
C ARG A 221 -1.12 1.87 -0.21
N GLU A 222 0.09 1.57 0.23
CA GLU A 222 1.08 2.60 0.54
C GLU A 222 2.31 2.29 -0.30
N ALA A 223 2.49 3.04 -1.37
CA ALA A 223 3.47 2.70 -2.39
C ALA A 223 4.82 3.39 -2.19
N GLU A 224 5.00 4.20 -1.14
CA GLU A 224 6.25 4.95 -1.01
C GLU A 224 7.47 4.04 -1.08
N ARG A 225 7.42 2.88 -0.44
CA ARG A 225 8.64 2.08 -0.45
C ARG A 225 8.94 1.52 -1.84
N PHE A 226 8.00 1.61 -2.80
CA PHE A 226 8.22 1.10 -4.15
C PHE A 226 8.83 2.14 -5.08
N LEU A 227 8.86 3.40 -4.68
CA LEU A 227 9.20 4.48 -5.62
C LEU A 227 10.68 4.44 -5.99
N ILE A 228 10.97 4.92 -7.20
CA ILE A 228 12.34 5.08 -7.68
C ILE A 228 12.50 6.52 -8.17
N SER A 229 13.76 6.99 -8.15
CA SER A 229 14.05 8.34 -8.62
C SER A 229 14.00 8.40 -10.15
N ASN A 230 13.89 9.62 -10.66
CA ASN A 230 13.95 9.81 -12.11
C ASN A 230 15.25 9.27 -12.69
N GLU A 231 16.36 9.48 -11.97
CA GLU A 231 17.65 8.95 -12.40
C GLU A 231 17.63 7.43 -12.48
N GLU A 232 17.08 6.77 -11.46
CA GLU A 232 16.96 5.31 -11.52
C GLU A 232 16.10 4.88 -12.71
N PHE A 233 14.99 5.57 -12.95
CA PHE A 233 14.14 5.23 -14.08
C PHE A 233 14.90 5.36 -15.40
N GLU A 234 15.61 6.48 -15.58
CA GLU A 234 16.38 6.68 -16.80
C GLU A 234 17.44 5.60 -16.97
N THR A 235 18.05 5.18 -15.86
CA THR A 235 19.04 4.11 -15.91
C THR A 235 18.42 2.82 -16.42
N PHE A 236 17.20 2.49 -15.96
CA PHE A 236 16.51 1.31 -16.47
C PHE A 236 16.29 1.41 -17.98
N LEU A 237 15.83 2.58 -18.44
CA LEU A 237 15.58 2.75 -19.87
C LEU A 237 16.87 2.59 -20.68
N GLU A 238 17.98 3.15 -20.20
CA GLU A 238 19.24 3.04 -20.93
C GLU A 238 19.70 1.58 -21.00
N ARG A 239 19.47 0.81 -19.93
CA ARG A 239 19.82 -0.60 -19.94
C ARG A 239 19.08 -1.36 -21.04
N HIS A 240 17.91 -0.87 -21.42
CA HIS A 240 17.08 -1.57 -22.40
C HIS A 240 16.97 -0.80 -23.72
N LYS A 241 17.96 0.03 -24.02
CA LYS A 241 17.88 0.86 -25.23
C LYS A 241 17.88 0.02 -26.51
N GLU A 242 18.30 -1.24 -26.46
CA GLU A 242 18.26 -2.08 -27.65
C GLU A 242 16.87 -2.62 -27.96
N VAL A 243 15.92 -2.48 -27.04
CA VAL A 243 14.54 -2.92 -27.26
C VAL A 243 13.81 -1.80 -28.02
N SER A 244 13.67 -1.95 -29.33
CA SER A 244 13.11 -0.86 -30.12
C SER A 244 11.63 -0.62 -29.83
N CYS A 245 10.89 -1.61 -29.33
CA CYS A 245 9.46 -1.43 -29.04
C CYS A 245 9.20 -0.85 -27.65
N LEU A 246 10.24 -0.42 -26.95
N LEU A 246 10.25 -0.37 -26.97
CA LEU A 246 10.05 0.16 -25.63
CA LEU A 246 10.13 0.20 -25.64
C LEU A 246 9.48 1.57 -25.75
C LEU A 246 9.54 1.60 -25.71
N VAL A 247 8.51 1.86 -24.87
CA VAL A 247 7.87 3.16 -24.80
C VAL A 247 7.83 3.57 -23.34
N PRO A 248 8.51 4.64 -22.93
CA PRO A 248 8.54 5.01 -21.52
C PRO A 248 7.39 5.90 -21.11
N GLU A 249 6.96 5.71 -19.85
CA GLU A 249 5.88 6.49 -19.24
C GLU A 249 6.41 6.99 -17.90
N SER A 250 7.15 8.10 -17.94
CA SER A 250 7.66 8.71 -16.72
C SER A 250 6.50 9.27 -15.89
N ASN A 251 6.80 9.58 -14.63
CA ASN A 251 5.81 10.24 -13.77
C ASN A 251 5.26 11.50 -14.44
N GLN A 252 6.14 12.34 -14.97
CA GLN A 252 5.67 13.58 -15.57
C GLN A 252 4.82 13.32 -16.80
N LYS A 253 5.18 12.30 -17.60
CA LYS A 253 4.36 11.98 -18.76
C LYS A 253 2.98 11.52 -18.34
N MET A 254 2.92 10.66 -17.31
CA MET A 254 1.62 10.20 -16.84
C MET A 254 0.78 11.35 -16.32
N LYS A 255 1.38 12.24 -15.53
CA LYS A 255 0.65 13.41 -15.04
C LYS A 255 0.14 14.26 -16.20
N ASP A 256 0.95 14.40 -17.25
CA ASP A 256 0.61 15.32 -18.32
C ASP A 256 -0.42 14.74 -19.30
N SER A 257 -0.45 13.42 -19.49
CA SER A 257 -1.19 12.87 -20.63
C SER A 257 -2.07 11.67 -20.34
N TYR A 258 -2.13 11.16 -19.11
CA TYR A 258 -2.95 9.99 -18.80
C TYR A 258 -4.28 10.45 -18.20
N LEU A 259 -5.35 10.28 -18.96
CA LEU A 259 -6.69 10.69 -18.55
C LEU A 259 -7.50 9.46 -18.14
N ILE A 260 -8.17 9.56 -16.99
CA ILE A 260 -8.96 8.46 -16.43
C ILE A 260 -10.44 8.81 -16.52
N LEU A 261 -11.22 7.85 -17.02
CA LEU A 261 -12.67 7.84 -16.88
C LEU A 261 -13.01 6.78 -15.85
N ASP A 262 -13.61 7.18 -14.72
CA ASP A 262 -13.74 6.25 -13.60
C ASP A 262 -15.01 5.42 -13.73
N GLU A 263 -15.35 4.69 -12.66
CA GLU A 263 -16.44 3.71 -12.73
C GLU A 263 -17.81 4.36 -12.77
N TYR A 264 -17.89 5.65 -12.45
CA TYR A 264 -19.09 6.45 -12.66
C TYR A 264 -19.00 7.28 -13.93
N MET A 265 -18.01 7.00 -14.79
CA MET A 265 -17.77 7.77 -16.01
C MET A 265 -17.57 9.26 -15.70
N ARG A 266 -16.81 9.53 -14.64
CA ARG A 266 -16.29 10.86 -14.36
C ARG A 266 -14.83 10.92 -14.77
N PHE A 267 -14.38 12.11 -15.15
CA PHE A 267 -12.99 12.28 -15.56
C PHE A 267 -12.09 12.63 -14.38
N LEU A 268 -10.93 11.97 -14.33
CA LEU A 268 -9.91 12.14 -13.30
C LEU A 268 -8.54 12.23 -13.96
N ASN A 269 -7.61 12.91 -13.29
CA ASN A 269 -6.22 12.94 -13.72
C ASN A 269 -5.34 12.22 -12.70
N CYS A 270 -4.05 12.15 -12.99
CA CYS A 270 -3.10 11.45 -12.14
C CYS A 270 -2.35 12.38 -11.20
N THR A 271 -2.68 13.67 -11.16
CA THR A 271 -2.00 14.58 -10.25
C THR A 271 -2.62 14.51 -8.86
N ASP A 276 -11.50 16.88 -6.32
CA ASP A 276 -12.77 16.21 -6.57
C ASP A 276 -12.90 15.80 -8.03
N PRO A 277 -13.60 14.70 -8.28
CA PRO A 277 -13.87 14.27 -9.65
C PRO A 277 -14.80 15.24 -10.38
N SER A 278 -14.76 15.16 -11.71
CA SER A 278 -15.72 15.90 -12.51
C SER A 278 -17.12 15.33 -12.31
N LYS A 279 -18.11 16.02 -12.87
CA LYS A 279 -19.42 15.40 -13.00
C LYS A 279 -19.35 14.30 -14.06
N SER A 280 -20.22 13.30 -13.91
CA SER A 280 -20.25 12.21 -14.87
C SER A 280 -20.69 12.72 -16.23
N ILE A 281 -20.07 12.17 -17.29
CA ILE A 281 -20.53 12.51 -18.63
C ILE A 281 -21.97 12.07 -18.82
N LEU A 282 -22.41 11.06 -18.06
CA LEU A 282 -23.78 10.61 -18.11
C LEU A 282 -24.76 11.63 -17.55
N ASP A 283 -24.26 12.67 -16.89
CA ASP A 283 -25.10 13.73 -16.31
C ASP A 283 -24.95 15.05 -17.04
N VAL A 284 -23.74 15.52 -17.25
CA VAL A 284 -23.51 16.84 -17.84
C VAL A 284 -22.93 16.78 -19.24
N GLY A 285 -22.58 15.59 -19.74
CA GLY A 285 -22.01 15.46 -21.06
C GLY A 285 -20.50 15.54 -21.06
N VAL A 286 -19.92 15.17 -22.22
CA VAL A 286 -18.47 15.07 -22.34
C VAL A 286 -17.81 16.43 -22.15
N GLU A 287 -18.37 17.47 -22.78
CA GLU A 287 -17.74 18.78 -22.78
C GLU A 287 -17.61 19.34 -21.36
N GLU A 288 -18.73 19.44 -20.64
CA GLU A 288 -18.68 20.00 -19.30
C GLU A 288 -17.87 19.15 -18.35
N ALA A 289 -17.83 17.83 -18.58
CA ALA A 289 -17.08 16.96 -17.69
C ALA A 289 -15.58 17.12 -17.86
N ILE A 290 -15.13 17.54 -19.05
CA ILE A 290 -13.69 17.66 -19.28
C ILE A 290 -13.10 18.80 -18.45
N LYS A 291 -13.87 19.85 -18.19
CA LYS A 291 -13.41 20.93 -17.32
C LYS A 291 -13.59 20.54 -15.85
N VAL B 32 -4.89 -3.60 11.12
CA VAL B 32 -4.77 -4.48 12.27
C VAL B 32 -3.42 -4.31 12.97
N ASN B 33 -3.46 -4.07 14.27
CA ASN B 33 -2.26 -3.84 15.07
C ASN B 33 -1.98 -5.07 15.92
N TYR B 34 -0.96 -5.84 15.54
CA TYR B 34 -0.64 -7.09 16.21
C TYR B 34 0.37 -6.76 17.32
N HIS B 35 -0.15 -6.57 18.54
CA HIS B 35 0.69 -6.32 19.72
C HIS B 35 1.13 -7.69 20.26
N PHE B 36 2.14 -8.25 19.60
CA PHE B 36 2.46 -9.66 19.79
C PHE B 36 3.28 -9.93 21.05
N THR B 37 3.80 -8.88 21.68
CA THR B 37 4.54 -9.01 22.92
C THR B 37 4.20 -7.81 23.79
N ARG B 38 4.21 -8.01 25.11
CA ARG B 38 4.01 -6.90 26.03
C ARG B 38 5.28 -6.49 26.74
N GLN B 39 6.41 -7.14 26.46
CA GLN B 39 7.65 -6.76 27.09
C GLN B 39 8.28 -5.57 26.37
N CYS B 40 8.92 -4.70 27.15
CA CYS B 40 9.57 -3.51 26.59
C CYS B 40 10.76 -3.10 27.45
N ASN B 41 11.72 -2.43 26.81
CA ASN B 41 12.90 -1.91 27.51
C ASN B 41 12.77 -0.45 27.93
N TYR B 42 11.76 0.28 27.44
CA TYR B 42 11.48 1.66 27.83
C TYR B 42 10.49 1.71 28.99
N LYS B 43 10.24 2.92 29.49
CA LYS B 43 9.44 3.16 30.71
C LYS B 43 8.50 4.35 30.54
N CYS B 44 7.92 4.52 29.35
CA CYS B 44 7.08 5.68 29.06
C CYS B 44 5.96 5.80 30.07
N GLY B 45 5.84 6.96 30.70
CA GLY B 45 4.91 7.11 31.81
C GLY B 45 3.45 6.97 31.42
N PHE B 46 3.12 7.20 30.15
CA PHE B 46 1.75 7.13 29.65
C PHE B 46 1.42 5.82 28.93
N CYS B 47 2.36 4.89 28.83
CA CYS B 47 2.21 3.68 28.00
C CYS B 47 0.82 3.06 28.12
N PHE B 48 0.11 2.91 27.01
N PHE B 48 0.14 2.90 26.98
CA PHE B 48 -1.24 2.37 27.10
CA PHE B 48 -1.23 2.41 26.93
C PHE B 48 -1.34 0.90 26.70
C PHE B 48 -1.32 0.90 26.73
N HIS B 49 -0.19 0.21 26.55
CA HIS B 49 -0.19 -1.25 26.31
C HIS B 49 0.98 -1.85 27.10
N THR B 50 0.74 -2.10 28.38
CA THR B 50 1.77 -2.30 29.37
C THR B 50 2.15 -3.77 29.54
N ALA B 51 3.22 -3.99 30.30
CA ALA B 51 3.89 -5.29 30.39
C ALA B 51 3.17 -6.21 31.37
N LYS B 52 1.91 -6.49 31.06
CA LYS B 52 1.08 -7.32 31.94
C LYS B 52 1.41 -8.80 31.84
N THR B 53 2.01 -9.25 30.73
CA THR B 53 2.46 -10.63 30.59
C THR B 53 3.84 -10.65 29.92
N SER B 54 4.48 -11.82 29.96
N SER B 54 4.48 -11.82 29.97
CA SER B 54 5.69 -12.07 29.17
CA SER B 54 5.69 -12.10 29.22
C SER B 54 5.44 -13.12 28.10
C SER B 54 5.44 -13.10 28.08
N PHE B 55 4.18 -13.47 27.86
CA PHE B 55 3.86 -14.51 26.90
C PHE B 55 4.04 -14.02 25.47
N VAL B 56 4.67 -14.86 24.66
CA VAL B 56 4.72 -14.69 23.21
C VAL B 56 4.44 -16.04 22.57
N LEU B 57 3.60 -16.06 21.54
CA LEU B 57 3.23 -17.30 20.87
C LEU B 57 4.47 -17.95 20.25
N PRO B 58 4.50 -19.28 20.16
CA PRO B 58 5.53 -19.92 19.35
C PRO B 58 5.39 -19.47 17.92
N LEU B 59 6.54 -19.39 17.23
CA LEU B 59 6.56 -18.80 15.89
C LEU B 59 5.54 -19.46 14.97
N GLU B 60 5.43 -20.79 15.02
CA GLU B 60 4.54 -21.47 14.09
C GLU B 60 3.07 -21.20 14.40
N GLU B 61 2.74 -20.89 15.66
CA GLU B 61 1.36 -20.54 15.98
C GLU B 61 1.01 -19.13 15.51
N ALA B 62 1.94 -18.19 15.65
CA ALA B 62 1.73 -16.86 15.09
C ALA B 62 1.55 -16.93 13.58
N LYS B 63 2.35 -17.75 12.90
CA LYS B 63 2.22 -17.90 11.46
C LYS B 63 0.84 -18.43 11.08
N ARG B 64 0.37 -19.46 11.80
CA ARG B 64 -0.97 -19.99 11.52
C ARG B 64 -2.03 -18.91 11.64
N GLY B 65 -1.94 -18.07 12.68
CA GLY B 65 -2.92 -17.01 12.85
C GLY B 65 -2.81 -15.92 11.81
N LEU B 66 -1.58 -15.57 11.42
CA LEU B 66 -1.41 -14.61 10.33
C LEU B 66 -2.02 -15.14 9.03
N LEU B 67 -1.90 -16.44 8.78
CA LEU B 67 -2.50 -17.01 7.60
C LEU B 67 -4.03 -16.90 7.65
N LEU B 68 -4.62 -17.15 8.82
CA LEU B 68 -6.06 -17.01 8.97
C LEU B 68 -6.53 -15.59 8.69
N LEU B 69 -5.76 -14.60 9.14
CA LEU B 69 -6.10 -13.21 8.88
C LEU B 69 -6.05 -12.91 7.38
N LYS B 70 -4.99 -13.37 6.70
CA LYS B 70 -4.92 -13.21 5.25
C LYS B 70 -6.11 -13.87 4.56
N GLN B 71 -6.43 -15.09 4.97
CA GLN B 71 -7.58 -15.78 4.37
C GLN B 71 -8.88 -15.07 4.69
N ALA B 72 -8.94 -14.35 5.81
CA ALA B 72 -10.11 -13.55 6.15
C ALA B 72 -10.11 -12.20 5.46
N GLY B 73 -9.09 -11.86 4.69
CA GLY B 73 -9.05 -10.64 3.91
C GLY B 73 -8.11 -9.56 4.37
N LEU B 74 -7.22 -9.83 5.33
CA LEU B 74 -6.32 -8.80 5.82
C LEU B 74 -5.31 -8.43 4.74
N GLU B 75 -5.10 -7.14 4.55
CA GLU B 75 -4.11 -6.62 3.63
C GLU B 75 -2.98 -5.83 4.30
N LYS B 76 -3.24 -5.13 5.41
CA LYS B 76 -2.24 -4.33 6.09
C LYS B 76 -2.07 -4.84 7.52
N ILE B 77 -0.84 -5.19 7.88
CA ILE B 77 -0.51 -5.66 9.23
C ILE B 77 0.50 -4.70 9.83
N ASN B 78 0.35 -4.42 11.13
CA ASN B 78 1.25 -3.54 11.85
C ASN B 78 1.71 -4.27 13.10
N PHE B 79 3.01 -4.58 13.17
CA PHE B 79 3.57 -5.22 14.35
C PHE B 79 3.89 -4.18 15.42
N SER B 80 3.48 -4.47 16.64
CA SER B 80 3.58 -3.53 17.75
C SER B 80 3.77 -4.33 19.02
N GLY B 81 3.59 -3.68 20.17
CA GLY B 81 3.80 -4.32 21.45
C GLY B 81 3.43 -3.41 22.61
N GLY B 82 4.23 -3.36 23.69
CA GLY B 82 5.54 -3.99 23.77
C GLY B 82 6.55 -3.42 22.78
N GLU B 83 7.82 -3.81 22.91
CA GLU B 83 8.80 -3.43 21.91
C GLU B 83 9.02 -4.59 20.94
N PRO B 84 8.66 -4.45 19.66
CA PRO B 84 8.79 -5.58 18.72
C PRO B 84 10.20 -6.11 18.58
N PHE B 85 11.21 -5.27 18.69
CA PHE B 85 12.57 -5.76 18.48
C PHE B 85 13.19 -6.40 19.72
N LEU B 86 12.46 -6.47 20.84
CA LEU B 86 13.01 -7.05 22.06
C LEU B 86 13.06 -8.58 22.00
N GLN B 87 12.10 -9.22 21.34
CA GLN B 87 12.00 -10.67 21.33
C GLN B 87 13.08 -11.30 20.45
N ASP B 88 13.93 -12.14 21.05
N ASP B 88 13.93 -12.14 21.04
CA ASP B 88 14.97 -12.87 20.33
CA ASP B 88 14.96 -12.89 20.32
C ASP B 88 15.84 -11.94 19.47
C ASP B 88 15.83 -11.97 19.46
N ARG B 89 16.16 -10.78 20.05
N ARG B 89 16.20 -10.81 20.02
CA ARG B 89 17.03 -9.78 19.40
CA ARG B 89 17.06 -9.83 19.36
C ARG B 89 16.47 -9.32 18.06
C ARG B 89 16.47 -9.30 18.05
N GLY B 90 15.15 -9.36 17.90
CA GLY B 90 14.52 -8.94 16.67
C GLY B 90 14.38 -10.03 15.63
N GLU B 91 14.92 -11.23 15.88
CA GLU B 91 14.86 -12.30 14.89
C GLU B 91 13.44 -12.88 14.79
N TYR B 92 12.73 -12.95 15.91
CA TYR B 92 11.34 -13.42 15.89
C TYR B 92 10.50 -12.50 15.01
N LEU B 93 10.60 -11.19 15.24
CA LEU B 93 9.90 -10.21 14.41
C LEU B 93 10.28 -10.36 12.95
N GLY B 94 11.59 -10.45 12.65
CA GLY B 94 12.02 -10.52 11.26
C GLY B 94 11.45 -11.73 10.55
N LYS B 95 11.31 -12.85 11.27
CA LYS B 95 10.77 -14.04 10.64
C LYS B 95 9.30 -13.89 10.33
N LEU B 96 8.55 -13.18 11.18
CA LEU B 96 7.13 -12.97 10.92
C LEU B 96 6.94 -11.96 9.81
N VAL B 97 7.77 -10.92 9.76
CA VAL B 97 7.72 -9.95 8.67
C VAL B 97 7.97 -10.64 7.34
N ARG B 98 9.03 -11.46 7.27
CA ARG B 98 9.33 -12.19 6.04
C ARG B 98 8.18 -13.12 5.66
N PHE B 99 7.60 -13.82 6.64
CA PHE B 99 6.43 -14.66 6.39
C PHE B 99 5.28 -13.87 5.77
N CYS B 100 5.02 -12.68 6.32
CA CYS B 100 3.91 -11.85 5.82
C CYS B 100 4.16 -11.40 4.39
N LYS B 101 5.41 -11.12 4.05
CA LYS B 101 5.67 -10.68 2.69
C LYS B 101 5.82 -11.86 1.74
N GLU B 102 6.64 -12.85 2.13
CA GLU B 102 7.05 -13.89 1.20
C GLU B 102 6.03 -15.01 1.06
N GLU B 103 5.24 -15.29 2.09
CA GLU B 103 4.25 -16.35 2.04
C GLU B 103 2.82 -15.84 1.94
N LEU B 104 2.49 -14.74 2.64
CA LEU B 104 1.14 -14.21 2.62
C LEU B 104 0.96 -13.10 1.58
N ALA B 105 2.04 -12.54 1.06
CA ALA B 105 1.99 -11.45 0.08
C ALA B 105 1.11 -10.30 0.55
N LEU B 106 1.18 -9.98 1.83
CA LEU B 106 0.41 -8.84 2.33
C LEU B 106 0.95 -7.55 1.72
N PRO B 107 0.09 -6.71 1.11
CA PRO B 107 0.59 -5.51 0.42
C PRO B 107 1.20 -4.45 1.34
N SER B 108 0.92 -4.47 2.64
CA SER B 108 1.55 -3.49 3.53
C SER B 108 1.90 -4.15 4.86
N VAL B 109 3.19 -4.26 5.13
CA VAL B 109 3.73 -4.83 6.36
C VAL B 109 4.49 -3.71 7.07
N SER B 110 4.02 -3.32 8.26
N SER B 110 4.06 -3.36 8.28
CA SER B 110 4.61 -2.22 9.02
CA SER B 110 4.65 -2.25 9.01
C SER B 110 5.04 -2.71 10.40
C SER B 110 5.04 -2.70 10.41
N ILE B 111 5.96 -1.95 11.01
CA ILE B 111 6.37 -2.14 12.40
C ILE B 111 6.33 -0.77 13.05
N VAL B 112 5.86 -0.70 14.30
N VAL B 112 5.87 -0.73 14.31
CA VAL B 112 6.02 0.49 15.11
CA VAL B 112 5.98 0.44 15.17
C VAL B 112 6.94 0.12 16.28
C VAL B 112 6.95 0.09 16.30
N SER B 113 7.95 0.95 16.51
CA SER B 113 9.02 0.60 17.43
C SER B 113 9.57 1.82 18.13
N ASN B 114 10.11 1.63 19.35
CA ASN B 114 10.85 2.73 19.94
C ASN B 114 12.25 2.86 19.34
N GLY B 115 12.67 1.92 18.49
CA GLY B 115 13.88 2.05 17.72
C GLY B 115 15.17 1.70 18.43
N SER B 116 15.19 1.71 19.78
CA SER B 116 16.44 1.60 20.53
C SER B 116 17.16 0.27 20.35
N LEU B 117 16.44 -0.80 19.98
CA LEU B 117 17.02 -2.15 19.88
C LEU B 117 17.23 -2.60 18.45
N ILE B 118 16.92 -1.77 17.48
CA ILE B 118 17.09 -2.13 16.07
C ILE B 118 18.56 -2.11 15.71
N ARG B 119 19.04 -3.21 15.12
CA ARG B 119 20.41 -3.35 14.65
C ARG B 119 20.44 -3.21 13.13
N GLU B 120 21.52 -2.64 12.61
CA GLU B 120 21.61 -2.49 11.16
C GLU B 120 21.60 -3.84 10.48
N ARG B 121 22.20 -4.86 11.11
CA ARG B 121 22.21 -6.21 10.54
C ARG B 121 20.80 -6.70 10.28
N TRP B 122 19.83 -6.29 11.09
CA TRP B 122 18.43 -6.66 10.87
C TRP B 122 17.94 -6.15 9.52
N PHE B 123 18.29 -4.91 9.16
CA PHE B 123 17.90 -4.40 7.84
C PHE B 123 18.50 -5.23 6.72
N LYS B 124 19.75 -5.67 6.89
CA LYS B 124 20.39 -6.49 5.87
C LYS B 124 19.64 -7.81 5.67
N ASP B 125 19.14 -8.39 6.77
CA ASP B 125 18.53 -9.71 6.74
C ASP B 125 17.06 -9.67 6.38
N TYR B 126 16.33 -8.62 6.79
CA TYR B 126 14.89 -8.58 6.68
C TYR B 126 14.34 -7.33 6.00
N GLY B 127 15.17 -6.33 5.71
CA GLY B 127 14.65 -5.07 5.18
C GLY B 127 13.85 -5.20 3.89
N GLU B 128 14.18 -6.19 3.06
CA GLU B 128 13.48 -6.38 1.78
C GLU B 128 12.01 -6.75 1.96
N TYR B 129 11.64 -7.28 3.12
CA TYR B 129 10.27 -7.74 3.36
C TYR B 129 9.44 -6.72 4.11
N LEU B 130 10.05 -5.66 4.61
CA LEU B 130 9.40 -4.64 5.40
C LEU B 130 9.03 -3.47 4.51
N ASP B 131 7.79 -3.01 4.60
CA ASP B 131 7.39 -1.82 3.84
C ASP B 131 7.64 -0.53 4.62
N ILE B 132 7.28 -0.51 5.90
CA ILE B 132 7.20 0.73 6.66
C ILE B 132 7.76 0.48 8.05
N LEU B 133 8.63 1.38 8.50
CA LEU B 133 9.07 1.41 9.89
C LEU B 133 8.64 2.73 10.49
N ALA B 134 7.86 2.68 11.57
CA ALA B 134 7.43 3.88 12.30
C ALA B 134 8.17 3.89 13.62
N ILE B 135 8.90 4.98 13.89
CA ILE B 135 9.65 5.12 15.13
C ILE B 135 8.93 6.13 16.02
N SER B 136 8.75 5.77 17.29
CA SER B 136 8.07 6.63 18.26
C SER B 136 9.08 7.58 18.90
N CYS B 137 8.81 8.88 18.79
CA CYS B 137 9.64 9.91 19.39
C CYS B 137 8.72 11.08 19.69
N ASP B 138 8.58 11.43 20.96
CA ASP B 138 7.55 12.40 21.32
C ASP B 138 8.05 13.83 21.31
N SER B 139 9.36 14.05 21.43
CA SER B 139 9.88 15.40 21.56
C SER B 139 11.25 15.46 20.90
N PHE B 140 11.62 16.64 20.44
CA PHE B 140 12.97 16.88 19.98
C PHE B 140 13.82 17.55 21.05
N ASP B 141 13.25 17.73 22.24
CA ASP B 141 13.98 18.09 23.45
C ASP B 141 14.28 16.78 24.18
N GLU B 142 15.54 16.34 24.15
CA GLU B 142 15.86 15.03 24.71
C GLU B 142 15.58 14.98 26.21
N GLN B 143 15.65 16.12 26.90
CA GLN B 143 15.33 16.10 28.32
C GLN B 143 13.86 15.76 28.55
N VAL B 144 12.99 16.09 27.57
CA VAL B 144 11.58 15.76 27.68
C VAL B 144 11.35 14.28 27.43
N ASN B 145 12.02 13.70 26.42
CA ASN B 145 11.93 12.26 26.22
C ASN B 145 12.39 11.53 27.47
N ALA B 146 13.49 11.99 28.07
CA ALA B 146 13.98 11.36 29.29
C ALA B 146 12.96 11.50 30.42
N LEU B 147 12.38 12.70 30.57
CA LEU B 147 11.37 12.94 31.62
C LEU B 147 10.20 11.97 31.49
N ILE B 148 9.76 11.75 30.25
N ILE B 148 9.73 11.73 30.26
CA ILE B 148 8.61 10.91 29.91
CA ILE B 148 8.53 10.92 30.10
C ILE B 148 8.86 9.46 30.25
C ILE B 148 8.84 9.43 30.05
N GLY B 149 10.10 9.03 30.17
CA GLY B 149 10.45 7.63 30.23
C GLY B 149 10.68 7.00 28.89
N ARG B 150 10.65 7.80 27.82
CA ARG B 150 10.97 7.32 26.47
C ARG B 150 12.48 7.25 26.34
N GLY B 151 13.04 6.25 26.99
CA GLY B 151 14.49 6.09 27.00
C GLY B 151 14.85 4.88 27.82
N GLN B 152 16.11 4.46 27.67
CA GLN B 152 16.64 3.38 28.47
C GLN B 152 18.13 3.61 28.64
N GLY B 153 18.63 3.31 29.83
CA GLY B 153 19.95 3.79 30.19
C GLY B 153 19.90 5.31 30.19
N LYS B 154 20.84 5.92 29.49
CA LYS B 154 20.79 7.36 29.30
C LYS B 154 21.12 7.74 27.87
N LYS B 155 20.91 6.82 26.93
CA LYS B 155 21.12 7.10 25.52
C LYS B 155 20.25 8.26 25.06
N ASN B 156 20.65 8.86 23.93
CA ASN B 156 19.94 10.02 23.37
C ASN B 156 18.91 9.49 22.37
N HIS B 157 17.64 9.49 22.79
CA HIS B 157 16.59 8.93 21.96
C HIS B 157 16.42 9.70 20.65
N VAL B 158 16.51 11.03 20.69
CA VAL B 158 16.35 11.80 19.46
C VAL B 158 17.43 11.41 18.45
N GLU B 159 18.67 11.25 18.92
CA GLU B 159 19.73 10.88 17.97
C GLU B 159 19.52 9.48 17.40
N ASN B 160 18.84 8.62 18.16
CA ASN B 160 18.43 7.31 17.68
C ASN B 160 17.51 7.46 16.46
N LEU B 161 16.61 8.43 16.53
CA LEU B 161 15.66 8.69 15.44
C LEU B 161 16.39 9.07 14.15
N GLN B 162 17.37 9.97 14.23
CA GLN B 162 18.09 10.39 13.03
C GLN B 162 18.87 9.24 12.41
N LYS B 163 19.47 8.39 13.24
CA LYS B 163 20.20 7.23 12.75
C LYS B 163 19.27 6.27 12.01
N LEU B 164 18.12 5.98 12.61
CA LEU B 164 17.17 5.07 11.97
C LEU B 164 16.62 5.66 10.67
N ARG B 165 16.43 6.97 10.64
CA ARG B 165 15.99 7.61 9.40
C ARG B 165 16.99 7.35 8.29
N ARG B 166 18.28 7.38 8.62
N ARG B 166 18.28 7.44 8.60
CA ARG B 166 19.31 7.19 7.61
CA ARG B 166 19.32 7.18 7.62
C ARG B 166 19.41 5.73 7.19
C ARG B 166 19.27 5.72 7.17
N TRP B 167 19.23 4.79 8.13
CA TRP B 167 19.16 3.38 7.76
C TRP B 167 17.97 3.10 6.87
N CYS B 168 16.83 3.73 7.14
CA CYS B 168 15.66 3.51 6.29
C CYS B 168 15.91 4.04 4.90
N ARG B 169 16.59 5.18 4.79
CA ARG B 169 16.96 5.67 3.46
C ARG B 169 17.93 4.71 2.75
N ASP B 170 18.91 4.17 3.48
CA ASP B 170 19.89 3.26 2.87
C ASP B 170 19.23 1.99 2.35
N TYR B 171 18.30 1.43 3.10
CA TYR B 171 17.65 0.16 2.78
C TYR B 171 16.31 0.37 2.09
N LYS B 172 15.96 1.63 1.78
CA LYS B 172 14.76 1.98 1.02
C LYS B 172 13.47 1.51 1.68
N VAL B 173 13.43 1.58 3.02
CA VAL B 173 12.23 1.30 3.80
C VAL B 173 11.52 2.62 4.07
N ALA B 174 10.20 2.66 3.87
CA ALA B 174 9.45 3.88 4.13
C ALA B 174 9.45 4.18 5.61
N PHE B 175 9.69 5.45 5.96
CA PHE B 175 9.92 5.86 7.35
C PHE B 175 8.80 6.76 7.83
N LYS B 176 8.28 6.44 9.01
CA LYS B 176 7.25 7.25 9.65
C LYS B 176 7.72 7.57 11.06
N ILE B 177 7.19 8.66 11.60
N ILE B 177 7.17 8.64 11.62
CA ILE B 177 7.40 9.04 12.99
CA ILE B 177 7.44 8.99 13.01
C ILE B 177 6.04 9.07 13.69
C ILE B 177 6.12 9.15 13.73
N ASN B 178 5.99 8.51 14.90
CA ASN B 178 4.84 8.61 15.76
C ASN B 178 5.21 9.46 16.97
N SER B 179 4.31 10.36 17.36
CA SER B 179 4.51 11.17 18.57
C SER B 179 3.25 11.13 19.43
N VAL B 180 3.43 10.95 20.75
CA VAL B 180 2.32 11.05 21.70
C VAL B 180 2.30 12.48 22.22
N ILE B 181 1.21 13.20 21.97
CA ILE B 181 1.12 14.60 22.38
C ILE B 181 0.57 14.64 23.81
N ASN B 182 1.34 15.24 24.71
CA ASN B 182 1.06 15.18 26.15
C ASN B 182 1.43 16.53 26.75
N ARG B 183 1.31 16.64 28.08
N ARG B 183 1.31 16.63 28.08
CA ARG B 183 1.49 17.96 28.70
CA ARG B 183 1.52 17.90 28.76
C ARG B 183 2.91 18.51 28.47
C ARG B 183 2.89 18.48 28.47
N PHE B 184 3.90 17.64 28.26
CA PHE B 184 5.27 18.08 28.17
C PHE B 184 5.72 18.47 26.78
N ASN B 185 4.91 18.17 25.75
CA ASN B 185 5.24 18.61 24.40
C ASN B 185 4.09 19.30 23.68
N VAL B 186 2.95 19.54 24.33
CA VAL B 186 1.82 20.15 23.62
C VAL B 186 2.12 21.59 23.22
N ASP B 187 3.05 22.26 23.92
CA ASP B 187 3.46 23.61 23.58
C ASP B 187 4.68 23.65 22.66
N GLU B 188 5.20 22.49 22.25
CA GLU B 188 6.42 22.42 21.47
C GLU B 188 6.17 22.68 19.99
N ASP B 189 7.15 23.29 19.34
CA ASP B 189 7.15 23.54 17.90
C ASP B 189 8.11 22.54 17.29
N MET B 190 7.58 21.55 16.57
CA MET B 190 8.38 20.50 15.95
C MET B 190 8.47 20.63 14.43
N ASN B 191 8.04 21.76 13.87
CA ASN B 191 7.91 21.87 12.41
C ASN B 191 9.24 21.62 11.70
N GLU B 192 10.29 22.38 12.06
CA GLU B 192 11.55 22.27 11.32
C GLU B 192 12.21 20.92 11.55
N HIS B 193 12.05 20.35 12.76
CA HIS B 193 12.66 19.05 13.05
C HIS B 193 11.99 17.96 12.21
N ILE B 194 10.66 17.98 12.13
CA ILE B 194 9.96 16.97 11.33
C ILE B 194 10.30 17.15 9.85
N LYS B 195 10.35 18.39 9.38
CA LYS B 195 10.63 18.62 7.96
C LYS B 195 12.03 18.14 7.59
N ALA B 196 13.00 18.33 8.50
CA ALA B 196 14.35 17.86 8.26
C ALA B 196 14.39 16.34 8.19
N LEU B 197 13.58 15.66 9.00
CA LEU B 197 13.56 14.20 9.00
C LEU B 197 12.85 13.63 7.77
N SER B 198 12.01 14.44 7.12
N SER B 198 12.05 14.45 7.08
CA SER B 198 11.32 14.05 5.89
CA SER B 198 11.32 14.06 5.88
C SER B 198 10.64 12.68 5.95
C SER B 198 10.65 12.67 5.95
N PRO B 199 9.79 12.43 6.94
CA PRO B 199 9.08 11.15 7.00
C PRO B 199 7.95 11.12 5.98
N VAL B 200 7.52 9.88 5.65
CA VAL B 200 6.34 9.70 4.82
C VAL B 200 5.10 10.21 5.55
N ARG B 201 5.06 10.00 6.86
CA ARG B 201 3.90 10.38 7.66
C ARG B 201 4.36 10.68 9.06
N TRP B 202 3.73 11.67 9.69
CA TRP B 202 3.96 11.99 11.09
C TRP B 202 2.62 11.77 11.79
N LYS B 203 2.49 10.68 12.53
N LYS B 203 2.53 10.66 12.52
CA LYS B 203 1.23 10.32 13.17
CA LYS B 203 1.33 10.31 13.26
C LYS B 203 1.27 10.85 14.60
C LYS B 203 1.40 10.98 14.64
N VAL B 204 0.46 11.86 14.89
N VAL B 204 0.31 11.59 15.06
CA VAL B 204 0.45 12.45 16.23
CA VAL B 204 0.30 12.53 16.17
C VAL B 204 -0.78 11.96 16.99
C VAL B 204 -0.84 12.12 17.09
N PHE B 205 -0.53 11.31 18.11
CA PHE B 205 -1.56 10.71 18.96
C PHE B 205 -1.84 11.63 20.16
N GLN B 206 -3.11 12.00 20.36
CA GLN B 206 -3.48 12.59 21.63
C GLN B 206 -3.27 11.55 22.73
N CYS B 207 -2.62 11.95 23.83
CA CYS B 207 -2.42 10.98 24.90
C CYS B 207 -3.75 10.35 25.28
N LEU B 208 -3.76 9.02 25.37
CA LEU B 208 -4.98 8.25 25.59
C LEU B 208 -4.92 7.53 26.92
N LEU B 209 -5.96 7.71 27.74
CA LEU B 209 -6.12 6.96 28.97
C LEU B 209 -6.94 5.70 28.70
N ILE B 210 -6.44 4.55 29.16
CA ILE B 210 -7.16 3.29 29.00
C ILE B 210 -7.27 2.61 30.36
N GLU B 211 -8.51 2.30 30.77
CA GLU B 211 -8.74 1.67 32.05
C GLU B 211 -8.08 0.30 32.11
N GLY B 212 -7.34 0.05 33.18
CA GLY B 212 -6.64 -1.20 33.36
C GLY B 212 -5.29 -1.28 32.70
N GLU B 213 -4.91 -0.26 31.94
CA GLU B 213 -3.58 -0.19 31.35
C GLU B 213 -2.77 0.91 32.03
N ASN B 214 -3.15 2.18 31.87
CA ASN B 214 -2.38 3.32 32.36
C ASN B 214 -3.20 4.22 33.28
N SER B 215 -4.21 3.67 33.93
CA SER B 215 -4.97 4.40 34.94
C SER B 215 -5.28 3.49 36.12
N GLY B 216 -5.31 4.07 37.32
CA GLY B 216 -5.58 3.27 38.49
C GLY B 216 -4.36 3.11 39.38
N GLU B 217 -4.60 2.92 40.68
CA GLU B 217 -3.52 2.78 41.65
C GLU B 217 -2.71 1.51 41.43
N ASP B 218 -3.31 0.48 40.84
CA ASP B 218 -2.66 -0.82 40.70
C ASP B 218 -2.18 -1.08 39.28
N ALA B 219 -2.36 -0.13 38.36
CA ALA B 219 -1.85 -0.27 37.00
C ALA B 219 -0.34 -0.09 36.97
N LEU B 220 0.28 -0.60 35.90
CA LEU B 220 1.72 -0.51 35.75
C LEU B 220 2.17 0.91 35.43
N ARG B 221 1.29 1.71 34.85
CA ARG B 221 1.57 3.10 34.52
C ARG B 221 0.37 3.94 34.93
N GLU B 222 0.62 5.21 35.21
CA GLU B 222 -0.44 6.16 35.53
C GLU B 222 -0.28 7.37 34.61
N ALA B 223 -1.18 7.52 33.65
CA ALA B 223 -1.00 8.50 32.60
C ALA B 223 -1.61 9.86 32.91
N GLU B 224 -2.35 10.03 34.00
CA GLU B 224 -3.14 11.25 34.18
C GLU B 224 -2.25 12.49 34.14
N ARG B 225 -1.04 12.39 34.70
CA ARG B 225 -0.07 13.49 34.66
C ARG B 225 0.10 14.03 33.24
N PHE B 226 0.00 13.16 32.25
CA PHE B 226 0.35 13.47 30.86
C PHE B 226 -0.81 13.96 30.01
N LEU B 227 -2.05 13.82 30.48
CA LEU B 227 -3.21 14.01 29.60
C LEU B 227 -3.42 15.48 29.22
N ILE B 228 -3.92 15.69 28.01
CA ILE B 228 -4.24 17.03 27.50
C ILE B 228 -5.68 17.05 27.02
N SER B 229 -6.29 18.23 27.07
CA SER B 229 -7.66 18.38 26.61
C SER B 229 -7.71 18.33 25.08
N ASN B 230 -8.92 18.08 24.56
CA ASN B 230 -9.12 18.12 23.11
C ASN B 230 -8.73 19.47 22.55
N GLU B 231 -9.08 20.56 23.25
CA GLU B 231 -8.70 21.89 22.82
C GLU B 231 -7.17 22.06 22.80
N GLU B 232 -6.48 21.60 23.84
CA GLU B 232 -5.01 21.65 23.84
C GLU B 232 -4.44 20.85 22.66
N PHE B 233 -4.98 19.65 22.41
CA PHE B 233 -4.54 18.86 21.25
C PHE B 233 -4.72 19.64 19.95
N GLU B 234 -5.89 20.27 19.76
CA GLU B 234 -6.15 21.04 18.55
C GLU B 234 -5.16 22.20 18.42
N THR B 235 -4.76 22.80 19.54
CA THR B 235 -3.79 23.89 19.49
C THR B 235 -2.45 23.39 18.97
N PHE B 236 -2.03 22.20 19.39
CA PHE B 236 -0.81 21.60 18.85
C PHE B 236 -0.95 21.35 17.36
N LEU B 237 -2.09 20.82 16.93
CA LEU B 237 -2.29 20.59 15.50
C LEU B 237 -2.19 21.88 14.72
N GLU B 238 -2.75 22.98 15.26
CA GLU B 238 -2.75 24.25 14.54
C GLU B 238 -1.33 24.78 14.37
N ARG B 239 -0.47 24.58 15.37
CA ARG B 239 0.92 25.00 15.26
C ARG B 239 1.66 24.23 14.17
N HIS B 240 1.16 23.06 13.77
CA HIS B 240 1.83 22.23 12.78
C HIS B 240 1.03 22.04 11.50
N LYS B 241 0.14 22.98 11.16
CA LYS B 241 -0.59 22.82 9.91
C LYS B 241 0.29 22.95 8.67
N GLU B 242 1.53 23.44 8.80
CA GLU B 242 2.37 23.49 7.61
C GLU B 242 3.03 22.14 7.29
N VAL B 243 3.01 21.19 8.22
CA VAL B 243 3.53 19.83 7.99
C VAL B 243 2.43 19.04 7.26
N SER B 244 2.54 18.94 5.94
CA SER B 244 1.48 18.29 5.17
C SER B 244 1.39 16.80 5.44
N CYS B 245 2.47 16.16 5.94
CA CYS B 245 2.44 14.73 6.21
C CYS B 245 1.92 14.40 7.61
N LEU B 246 1.41 15.39 8.34
CA LEU B 246 0.86 15.15 9.68
C LEU B 246 -0.49 14.44 9.57
N VAL B 247 -0.71 13.45 10.43
CA VAL B 247 -1.99 12.78 10.54
C VAL B 247 -2.38 12.71 12.01
N PRO B 248 -3.47 13.34 12.43
CA PRO B 248 -3.85 13.32 13.84
C PRO B 248 -4.57 12.05 14.23
N GLU B 249 -4.33 11.62 15.48
CA GLU B 249 -5.04 10.48 16.07
C GLU B 249 -5.61 10.95 17.40
N SER B 250 -6.78 11.57 17.35
CA SER B 250 -7.46 11.99 18.57
C SER B 250 -7.91 10.78 19.38
N ASN B 251 -8.23 11.03 20.66
CA ASN B 251 -8.80 9.99 21.52
C ASN B 251 -9.99 9.31 20.84
N GLN B 252 -10.89 10.11 20.27
CA GLN B 252 -12.09 9.53 19.67
C GLN B 252 -11.74 8.69 18.44
N LYS B 253 -10.80 9.16 17.62
CA LYS B 253 -10.38 8.39 16.45
C LYS B 253 -9.76 7.05 16.87
N MET B 254 -8.97 7.04 17.95
CA MET B 254 -8.36 5.80 18.41
C MET B 254 -9.43 4.82 18.90
N LYS B 255 -10.35 5.28 19.75
CA LYS B 255 -11.42 4.41 20.21
C LYS B 255 -12.29 3.90 19.07
N ASP B 256 -12.34 4.63 17.96
CA ASP B 256 -13.21 4.27 16.84
C ASP B 256 -12.53 3.39 15.80
N SER B 257 -11.22 3.49 15.63
CA SER B 257 -10.57 2.87 14.49
C SER B 257 -9.34 2.02 14.83
N TYR B 258 -8.86 2.02 16.07
CA TYR B 258 -7.64 1.32 16.41
C TYR B 258 -8.00 -0.05 17.00
N LEU B 259 -7.74 -1.10 16.23
CA LEU B 259 -8.05 -2.47 16.64
C LEU B 259 -6.77 -3.17 17.04
N ILE B 260 -6.81 -3.86 18.19
CA ILE B 260 -5.65 -4.54 18.75
C ILE B 260 -5.85 -6.04 18.62
N LEU B 261 -4.82 -6.73 18.15
CA LEU B 261 -4.68 -8.17 18.27
C LEU B 261 -3.59 -8.44 19.30
N ASP B 262 -3.96 -9.08 20.41
CA ASP B 262 -3.03 -9.13 21.54
C ASP B 262 -2.08 -10.32 21.39
N GLU B 263 -1.29 -10.60 22.43
CA GLU B 263 -0.24 -11.60 22.36
C GLU B 263 -0.77 -13.02 22.32
N TYR B 264 -2.06 -13.23 22.60
CA TYR B 264 -2.71 -14.51 22.41
C TYR B 264 -3.55 -14.53 21.13
N MET B 265 -3.42 -13.51 20.29
CA MET B 265 -4.23 -13.35 19.07
C MET B 265 -5.71 -13.26 19.41
N ARG B 266 -6.03 -12.49 20.44
CA ARG B 266 -7.39 -12.07 20.76
C ARG B 266 -7.56 -10.61 20.39
N PHE B 267 -8.80 -10.23 20.03
CA PHE B 267 -9.07 -8.85 19.64
C PHE B 267 -9.49 -8.00 20.83
N LEU B 268 -9.02 -6.75 20.85
CA LEU B 268 -9.47 -5.77 21.83
C LEU B 268 -9.48 -4.38 21.19
N ASN B 269 -10.20 -3.46 21.85
CA ASN B 269 -10.31 -2.08 21.41
C ASN B 269 -9.67 -1.17 22.47
N CYS B 270 -9.83 0.14 22.29
CA CYS B 270 -9.22 1.13 23.18
C CYS B 270 -10.23 1.83 24.07
N THR B 271 -11.43 1.27 24.21
CA THR B 271 -12.44 1.88 25.07
C THR B 271 -12.36 1.32 26.49
N PRO B 277 -11.91 -9.45 26.66
CA PRO B 277 -11.47 -9.63 25.27
C PRO B 277 -12.07 -10.85 24.60
N SER B 278 -11.99 -10.89 23.27
CA SER B 278 -12.54 -12.00 22.50
C SER B 278 -11.72 -13.26 22.74
N LYS B 279 -12.23 -14.37 22.21
CA LYS B 279 -11.43 -15.57 22.16
C LYS B 279 -10.35 -15.42 21.09
N SER B 280 -9.33 -16.28 21.17
CA SER B 280 -8.25 -16.23 20.21
C SER B 280 -8.74 -16.70 18.83
N ILE B 281 -8.24 -16.05 17.78
CA ILE B 281 -8.55 -16.53 16.44
C ILE B 281 -7.95 -17.91 16.22
N LEU B 282 -6.93 -18.28 17.00
CA LEU B 282 -6.35 -19.61 16.94
C LEU B 282 -7.30 -20.69 17.47
N ASP B 283 -8.38 -20.30 18.13
CA ASP B 283 -9.36 -21.23 18.66
C ASP B 283 -10.70 -21.18 17.95
N VAL B 284 -11.21 -19.98 17.66
CA VAL B 284 -12.54 -19.81 17.09
C VAL B 284 -12.51 -19.21 15.70
N GLY B 285 -11.34 -18.92 15.15
CA GLY B 285 -11.24 -18.30 13.84
C GLY B 285 -11.47 -16.80 13.91
N VAL B 286 -11.23 -16.15 12.77
CA VAL B 286 -11.25 -14.69 12.72
C VAL B 286 -12.68 -14.16 12.85
N GLU B 287 -13.63 -14.80 12.18
N GLU B 287 -13.64 -14.79 12.18
CA GLU B 287 -14.99 -14.26 12.10
CA GLU B 287 -14.98 -14.23 12.11
C GLU B 287 -15.66 -14.23 13.48
C GLU B 287 -15.66 -14.22 13.48
N GLU B 288 -15.52 -15.31 14.25
CA GLU B 288 -16.11 -15.33 15.58
C GLU B 288 -15.45 -14.33 16.51
N ALA B 289 -14.16 -14.06 16.33
CA ALA B 289 -13.45 -13.05 17.09
C ALA B 289 -13.48 -11.71 16.37
FE1 SF4 C . -4.92 -5.23 -9.62
FE2 SF4 C . -2.28 -4.99 -9.57
FE3 SF4 C . -3.85 -2.87 -9.15
FE4 SF4 C . -3.80 -3.91 -11.78
S1 SF4 C . -2.02 -2.96 -10.46
S2 SF4 C . -5.65 -3.31 -10.40
S3 SF4 C . -3.40 -6.19 -11.11
S4 SF4 C . -3.70 -4.73 -7.81
N1 5AD D . 2.62 3.42 -11.13
C2 5AD D . 2.66 3.24 -12.45
N3 5AD D . 1.94 2.31 -13.05
C4 5AD D . 1.12 1.54 -12.35
N9 5AD D . 0.28 0.53 -12.69
C8 5AD D . -0.33 0.08 -11.55
N7 5AD D . 0.12 0.76 -10.51
C5 5AD D . 1.03 1.68 -10.96
C6 5AD D . 1.82 2.68 -10.36
N6 5AD D . 1.77 2.85 -8.99
C1' 5AD D . 0.10 0.10 -14.08
C2' 5AD D . -0.55 -1.30 -14.21
C3' 5AD D . -1.09 -1.24 -15.68
C4' 5AD D . -1.28 0.28 -15.92
C5' 5AD D . -2.76 0.60 -16.15
O4' 5AD D . -0.91 0.94 -14.68
O2' 5AD D . 0.44 -2.31 -14.02
O3' 5AD D . -0.11 -1.74 -16.59
N MET E . -5.40 -4.60 -13.36
CA MET E . -4.89 -4.25 -14.70
C MET E . -3.39 -4.44 -14.71
O MET E . -2.69 -4.38 -13.70
CB MET E . -5.25 -2.83 -15.15
CG MET E . -5.44 -1.81 -14.03
SD MET E . -3.88 -1.52 -13.12
CE MET E . -4.42 -0.31 -11.88
OXT MET E . -2.80 -4.67 -15.86
FE1 SF4 F . 7.50 0.64 25.52
FE2 SF4 F . 7.00 3.23 25.59
FE3 SF4 F . 5.07 1.49 26.01
FE4 SF4 F . 6.10 1.66 23.41
S1 SF4 F . 5.01 3.32 24.70
S2 SF4 F . 5.63 -0.23 24.75
S3 SF4 F . 8.27 2.22 24.03
S4 SF4 F . 6.94 1.77 27.41
N1 5AD G . -1.66 7.48 24.16
C2 5AD G . -1.52 7.57 22.84
N3 5AD G . -0.57 6.92 22.20
C4 5AD G . 0.27 6.15 22.89
N9 5AD G . 1.33 5.36 22.54
C8 5AD G . 1.84 4.79 23.65
N7 5AD G . 1.14 5.18 24.69
C5 5AD G . 0.16 6.03 24.29
C6 5AD G . -0.87 6.73 24.91
N6 5AD G . -1.05 6.68 26.29
C1' 5AD G . 1.78 5.23 21.14
C2' 5AD G . 3.18 4.63 21.01
C3' 5AD G . 3.13 4.14 19.54
C4' 5AD G . 1.62 3.96 19.26
C5' 5AD G . 1.30 2.51 18.89
O4' 5AD G . 0.97 4.21 20.54
O2' 5AD G . 4.18 5.62 21.24
O3' 5AD G . 3.63 5.14 18.65
N MET H . 7.02 0.16 21.74
CA MET H . 6.57 0.69 20.44
C MET H . 6.54 2.20 20.45
O MET H . 6.44 2.87 21.45
CB MET H . 5.18 0.16 20.05
CG MET H . 4.27 -0.16 21.24
SD MET H . 3.72 1.35 22.10
CE MET H . 2.59 0.61 23.32
OXT MET H . 6.65 2.82 19.29
#